data_6DX0
#
_entry.id   6DX0
#
_cell.length_a   121.600
_cell.length_b   135.500
_cell.length_c   102.850
_cell.angle_alpha   90.00
_cell.angle_beta   90.00
_cell.angle_gamma   90.00
#
_symmetry.space_group_name_H-M   'C 2 2 21'
#
loop_
_entity.id
_entity.type
_entity.pdbx_description
1 polymer 'Hermes transposase'
2 polymer "DNA (5'-D(*AP*GP*AP*GP*AP*AP*CP*AP*AP*CP*AP*AP*CP*AP*AP*G)-3')"
3 polymer 'DNA (25-MER)'
4 polymer "DNA (5'-D(*GP*CP*GP*TP*GP*AP*A)-3')"
5 non-polymer 'SODIUM ION'
#
loop_
_entity_poly.entity_id
_entity_poly.type
_entity_poly.pdbx_seq_one_letter_code
_entity_poly.pdbx_strand_id
1 'polypeptide(L)'
;GSHMSRELKTVSADCKKEAIEKCAQWVVRDCRPFSAVSGSGFIDMIKFFIKVGAEYGEHVNVEELLPSPITLSRKVTSDA
KEKKALISREIKSAVEKDGASATIDLWTDNYIKRNFLGVTLHYHENNELRDLILGLKSLDFERSTAENIYKKLKAIFSQF
NVEDLSSIKFVTDRGANVVKSLANNIRINCSSHLLSNVLENSFEETPELNMPILACKNIVKYFKKANLQHRLRSSLKSEC
PTRWNSTYTMLRSILDNWESVIQILSEAGETQRIVHINKSIIQTMVNILDGFERIFKELQTCSSPSLCFVVPSILKVKEI
CSPDVGDVADIAKLKVNIIKNVRIIWEENLSIWHYTAFFFYPPALHMQQEKVAQIKEFCLSKMEDLELINRMSSFNELSA
TQLNQSDSNSHNSIDLTSHSKPVSPSDEFEFYRKEIVILSEDFKVMEWWNLNSKKYPKLSKLALSLLSIPASSAASERTF
SLAGNIITEKRNRIGQQTVDSLLFLNSFYKNFCKLDI
;
A
2 'polydeoxyribonucleotide' (DA)(DG)(DA)(DG)(DA)(DA)(DC)(DA)(DA)(DC)(DA)(DA)(DC)(DA)(DA)(DG) B
3 'polydeoxyribonucleotide'
;(DC)(DT)(DT)(DG)(DT)(DT)(DG)(DT)(DT)(DG)(DT)(DT)(DC)(DT)(DC)(DT)(DG)(DG)(DT)(DT)
(DC)(DA)(DC)(DG)(DC)
;
C
4 'polydeoxyribonucleotide' (DG)(DC)(DG)(DT)(DG)(DA)(DA) D
#
# COMPACT_ATOMS: atom_id res chain seq x y z
N ARG A 6 -4.44 -21.17 34.21
CA ARG A 6 -3.46 -20.32 33.55
C ARG A 6 -2.41 -21.13 32.82
N GLU A 7 -1.68 -21.97 33.57
CA GLU A 7 -0.62 -22.77 32.99
C GLU A 7 -1.20 -23.76 31.99
N LEU A 8 -1.18 -23.40 30.71
CA LEU A 8 -1.79 -24.25 29.68
C LEU A 8 -1.03 -25.57 29.59
N LYS A 9 -1.70 -26.65 29.98
CA LYS A 9 -1.09 -27.96 30.02
C LYS A 9 -0.91 -28.51 28.60
N THR A 10 0.22 -29.17 28.39
CA THR A 10 0.47 -29.81 27.12
C THR A 10 -0.18 -31.20 27.09
N VAL A 11 -0.17 -31.83 25.91
CA VAL A 11 -0.85 -33.10 25.72
C VAL A 11 0.19 -34.20 25.55
N SER A 12 -0.26 -35.44 25.76
CA SER A 12 0.63 -36.58 25.66
C SER A 12 1.18 -36.72 24.24
N ALA A 13 2.31 -37.41 24.15
CA ALA A 13 2.96 -37.63 22.87
C ALA A 13 2.06 -38.41 21.92
N ASP A 14 1.50 -39.52 22.41
CA ASP A 14 0.62 -40.33 21.59
C ASP A 14 -0.69 -39.61 21.25
N CYS A 15 -1.04 -38.55 21.97
CA CYS A 15 -2.21 -37.75 21.61
C CYS A 15 -1.91 -36.84 20.42
N LYS A 16 -0.77 -36.17 20.44
CA LYS A 16 -0.44 -35.24 19.36
C LYS A 16 -0.13 -35.96 18.05
N LYS A 17 0.36 -37.21 18.11
CA LYS A 17 0.47 -38.02 16.91
C LYS A 17 -0.88 -38.19 16.22
N GLU A 18 -1.99 -38.03 16.95
CA GLU A 18 -3.31 -38.06 16.36
C GLU A 18 -3.82 -36.68 15.97
N ALA A 19 -3.20 -35.60 16.45
CA ALA A 19 -3.51 -34.29 15.91
C ALA A 19 -2.98 -34.16 14.47
N ILE A 20 -1.68 -34.35 14.28
CA ILE A 20 -1.11 -34.42 12.94
C ILE A 20 -1.66 -35.59 12.14
N GLU A 21 -2.37 -36.52 12.77
CA GLU A 21 -3.04 -37.57 12.02
C GLU A 21 -4.40 -37.12 11.54
N LYS A 22 -5.07 -36.26 12.29
CA LYS A 22 -6.39 -35.76 11.92
C LYS A 22 -6.32 -34.46 11.14
N CYS A 23 -5.25 -33.70 11.29
CA CYS A 23 -5.08 -32.49 10.50
C CYS A 23 -4.69 -32.82 9.07
N ALA A 24 -3.73 -33.72 8.88
CA ALA A 24 -3.37 -34.16 7.55
C ALA A 24 -4.52 -34.88 6.84
N GLN A 25 -5.59 -35.22 7.55
CA GLN A 25 -6.76 -35.74 6.87
C GLN A 25 -7.71 -34.64 6.44
N TRP A 26 -7.75 -33.56 7.21
CA TRP A 26 -8.52 -32.39 6.83
C TRP A 26 -8.04 -31.85 5.50
N VAL A 27 -6.73 -31.83 5.31
CA VAL A 27 -6.14 -31.15 4.17
C VAL A 27 -6.23 -31.97 2.89
N VAL A 28 -6.19 -33.30 2.98
CA VAL A 28 -6.31 -34.07 1.75
C VAL A 28 -7.77 -34.25 1.35
N ARG A 29 -8.66 -34.44 2.34
CA ARG A 29 -10.05 -34.72 2.01
C ARG A 29 -10.76 -33.46 1.53
N ASP A 30 -10.44 -32.32 2.14
CA ASP A 30 -11.05 -31.04 1.85
C ASP A 30 -10.15 -30.11 1.05
N CYS A 31 -9.09 -30.64 0.43
CA CYS A 31 -8.17 -29.90 -0.44
C CYS A 31 -7.87 -28.50 0.09
N ARG A 32 -7.22 -28.45 1.24
CA ARG A 32 -6.94 -27.18 1.89
C ARG A 32 -5.43 -26.93 2.03
N PRO A 33 -5.01 -25.68 2.16
CA PRO A 33 -3.58 -25.39 2.32
C PRO A 33 -3.00 -25.89 3.63
N PHE A 34 -1.78 -26.43 3.53
CA PHE A 34 -0.95 -26.82 4.66
C PHE A 34 -0.86 -25.77 5.75
N SER A 35 -1.04 -24.51 5.41
CA SER A 35 -0.87 -23.42 6.35
C SER A 35 -2.19 -22.90 6.84
N ALA A 36 -3.27 -23.63 6.61
CA ALA A 36 -4.50 -23.32 7.31
C ALA A 36 -4.33 -23.59 8.80
N VAL A 37 -3.59 -24.65 9.14
CA VAL A 37 -3.31 -25.01 10.52
C VAL A 37 -2.62 -23.89 11.30
N SER A 38 -1.96 -22.96 10.61
CA SER A 38 -1.20 -21.94 11.28
C SER A 38 -1.91 -20.60 11.33
N GLY A 39 -3.21 -20.58 11.03
CA GLY A 39 -3.94 -19.34 10.85
C GLY A 39 -4.49 -18.77 12.15
N SER A 40 -4.22 -17.48 12.39
CA SER A 40 -4.62 -16.83 13.63
C SER A 40 -6.11 -16.98 13.91
N GLY A 41 -6.93 -17.10 12.87
CA GLY A 41 -8.34 -17.37 13.10
C GLY A 41 -8.63 -18.84 13.30
N PHE A 42 -7.84 -19.71 12.70
CA PHE A 42 -8.09 -21.14 12.85
C PHE A 42 -7.82 -21.61 14.28
N ILE A 43 -6.86 -20.98 14.95
CA ILE A 43 -6.50 -21.44 16.28
C ILE A 43 -7.59 -21.08 17.29
N ASP A 44 -8.01 -19.80 17.30
CA ASP A 44 -9.08 -19.37 18.19
C ASP A 44 -10.34 -20.21 18.01
N MET A 45 -10.53 -20.76 16.81
CA MET A 45 -11.68 -21.63 16.56
C MET A 45 -11.44 -23.05 17.05
N ILE A 46 -10.19 -23.41 17.37
CA ILE A 46 -9.94 -24.69 18.02
C ILE A 46 -9.96 -24.55 19.55
N LYS A 47 -9.52 -23.39 20.05
CA LYS A 47 -9.73 -23.01 21.44
C LYS A 47 -11.17 -23.22 21.84
N PHE A 48 -12.09 -22.80 20.98
CA PHE A 48 -13.50 -22.92 21.31
C PHE A 48 -13.97 -24.37 21.32
N PHE A 49 -13.38 -25.23 20.49
CA PHE A 49 -13.87 -26.60 20.37
C PHE A 49 -13.26 -27.53 21.41
N ILE A 50 -12.08 -27.21 21.95
CA ILE A 50 -11.59 -27.97 23.07
C ILE A 50 -12.35 -27.58 24.34
N LYS A 51 -12.62 -26.29 24.50
CA LYS A 51 -13.41 -25.82 25.64
C LYS A 51 -14.76 -26.52 25.69
N VAL A 52 -15.48 -26.51 24.57
CA VAL A 52 -16.78 -27.16 24.51
C VAL A 52 -16.64 -28.65 24.76
N GLY A 53 -15.59 -29.27 24.22
CA GLY A 53 -15.34 -30.67 24.52
C GLY A 53 -15.19 -30.92 26.02
N ALA A 54 -14.37 -30.09 26.67
CA ALA A 54 -14.25 -30.14 28.12
C ALA A 54 -15.61 -30.03 28.79
N GLU A 55 -16.48 -29.18 28.26
CA GLU A 55 -17.76 -28.91 28.91
C GLU A 55 -18.73 -30.07 28.73
N TYR A 56 -19.13 -30.34 27.50
CA TYR A 56 -20.18 -31.32 27.24
C TYR A 56 -19.64 -32.74 27.06
N GLY A 57 -18.35 -32.97 27.25
CA GLY A 57 -17.80 -34.29 27.07
C GLY A 57 -17.45 -34.57 25.63
N GLU A 58 -17.08 -35.82 25.38
CA GLU A 58 -16.56 -36.22 24.07
C GLU A 58 -17.61 -36.89 23.19
N HIS A 59 -18.89 -36.74 23.50
CA HIS A 59 -19.96 -37.38 22.73
C HIS A 59 -21.00 -36.35 22.35
N VAL A 60 -20.55 -35.33 21.62
CA VAL A 60 -21.41 -34.23 21.22
C VAL A 60 -21.85 -34.43 19.77
N ASN A 61 -22.96 -33.78 19.42
CA ASN A 61 -23.52 -33.81 18.06
C ASN A 61 -22.78 -32.78 17.21
N VAL A 62 -21.68 -33.24 16.57
CA VAL A 62 -20.86 -32.33 15.77
C VAL A 62 -21.69 -31.72 14.64
N GLU A 63 -22.35 -32.57 13.83
CA GLU A 63 -23.18 -32.10 12.74
C GLU A 63 -24.11 -30.96 13.17
N GLU A 64 -25.01 -31.28 14.10
CA GLU A 64 -26.00 -30.32 14.56
C GLU A 64 -25.34 -29.03 15.05
N LEU A 65 -24.32 -29.16 15.91
CA LEU A 65 -23.68 -28.00 16.51
C LEU A 65 -22.88 -27.19 15.48
N LEU A 66 -22.27 -27.87 14.49
CA LEU A 66 -21.51 -27.17 13.45
C LEU A 66 -22.44 -26.33 12.59
N PRO A 67 -22.13 -25.06 12.35
CA PRO A 67 -23.01 -24.22 11.53
C PRO A 67 -23.07 -24.68 10.08
N SER A 68 -23.89 -23.98 9.30
CA SER A 68 -24.10 -24.21 7.88
C SER A 68 -23.43 -23.11 7.08
N PRO A 69 -22.75 -23.46 5.99
CA PRO A 69 -22.14 -22.43 5.14
C PRO A 69 -23.09 -21.28 4.86
N ILE A 70 -24.33 -21.60 4.51
CA ILE A 70 -25.34 -20.58 4.23
C ILE A 70 -25.48 -19.63 5.41
N THR A 71 -25.52 -20.16 6.65
CA THR A 71 -25.64 -19.27 7.79
C THR A 71 -24.32 -18.54 8.04
N LEU A 72 -23.19 -19.25 7.99
CA LEU A 72 -21.89 -18.59 8.00
C LEU A 72 -21.87 -17.42 7.01
N SER A 73 -22.41 -17.64 5.81
CA SER A 73 -22.62 -16.52 4.91
C SER A 73 -23.48 -15.45 5.55
N ARG A 74 -24.53 -15.86 6.26
CA ARG A 74 -25.46 -14.86 6.76
C ARG A 74 -24.94 -14.19 8.01
N LYS A 75 -24.03 -14.84 8.74
CA LYS A 75 -23.47 -14.23 9.95
C LYS A 75 -22.46 -13.15 9.62
N VAL A 76 -21.58 -13.42 8.64
CA VAL A 76 -20.62 -12.39 8.21
C VAL A 76 -21.36 -11.19 7.68
N THR A 77 -22.48 -11.43 6.99
CA THR A 77 -23.33 -10.35 6.54
C THR A 77 -23.94 -9.62 7.74
N SER A 78 -24.35 -10.38 8.75
CA SER A 78 -24.89 -9.77 9.97
C SER A 78 -23.80 -9.06 10.76
N ASP A 79 -22.71 -9.76 11.06
CA ASP A 79 -21.65 -9.16 11.86
C ASP A 79 -21.00 -7.99 11.15
N ALA A 80 -21.10 -7.94 9.81
CA ALA A 80 -20.59 -6.82 9.07
C ALA A 80 -21.18 -5.51 9.58
N LYS A 81 -22.50 -5.39 9.51
CA LYS A 81 -23.16 -4.16 9.96
C LYS A 81 -22.84 -3.84 11.40
N GLU A 82 -22.83 -4.86 12.26
CA GLU A 82 -22.49 -4.68 13.67
C GLU A 82 -21.15 -3.94 13.83
N LYS A 83 -20.08 -4.56 13.33
CA LYS A 83 -18.74 -3.97 13.47
C LYS A 83 -18.63 -2.63 12.77
N LYS A 84 -19.45 -2.38 11.76
CA LYS A 84 -19.47 -1.07 11.13
C LYS A 84 -20.04 -0.02 12.07
N ALA A 85 -21.15 -0.35 12.73
CA ALA A 85 -21.77 0.58 13.67
C ALA A 85 -20.85 0.84 14.86
N LEU A 86 -20.28 -0.21 15.43
CA LEU A 86 -19.37 -0.12 16.58
C LEU A 86 -18.36 1.00 16.41
N ILE A 87 -17.49 0.89 15.42
CA ILE A 87 -16.44 1.89 15.22
C ILE A 87 -17.05 3.11 14.52
N SER A 88 -18.37 3.08 14.30
CA SER A 88 -19.11 4.18 13.71
C SER A 88 -18.77 5.48 14.39
N ARG A 89 -18.36 5.37 15.65
CA ARG A 89 -17.92 6.46 16.53
C ARG A 89 -16.43 6.72 16.40
N GLU A 90 -15.60 5.68 16.57
CA GLU A 90 -14.14 5.85 16.49
C GLU A 90 -13.72 6.41 15.15
N ILE A 91 -14.32 5.92 14.07
CA ILE A 91 -14.10 6.50 12.76
C ILE A 91 -14.57 7.95 12.75
N LYS A 92 -15.83 8.17 13.12
CA LYS A 92 -16.39 9.50 13.09
C LYS A 92 -15.49 10.51 13.79
N SER A 93 -14.77 10.07 14.82
CA SER A 93 -13.82 10.93 15.52
C SER A 93 -12.77 11.47 14.56
N ALA A 94 -12.02 10.55 13.94
CA ALA A 94 -10.89 10.96 13.10
C ALA A 94 -11.30 12.00 12.06
N VAL A 95 -12.41 11.77 11.36
CA VAL A 95 -12.82 12.69 10.31
C VAL A 95 -13.10 14.06 10.88
N GLU A 96 -13.68 14.11 12.09
CA GLU A 96 -13.94 15.39 12.73
C GLU A 96 -12.64 16.05 13.16
N LYS A 97 -11.82 15.31 13.88
CA LYS A 97 -10.56 15.83 14.37
C LYS A 97 -9.51 15.79 13.26
N ASP A 98 -9.87 16.32 12.09
CA ASP A 98 -8.96 16.57 10.98
C ASP A 98 -8.21 15.33 10.50
N GLY A 99 -7.38 14.74 11.37
CA GLY A 99 -6.39 13.75 11.00
C GLY A 99 -6.85 12.42 10.44
N ALA A 100 -7.72 12.46 9.43
CA ALA A 100 -8.14 11.27 8.71
C ALA A 100 -7.75 11.42 7.25
N SER A 101 -7.11 10.40 6.71
CA SER A 101 -6.79 10.36 5.28
C SER A 101 -7.28 9.05 4.70
N ALA A 102 -7.72 9.11 3.44
CA ALA A 102 -8.25 7.95 2.75
C ALA A 102 -7.57 7.81 1.39
N THR A 103 -7.66 6.60 0.83
CA THR A 103 -7.18 6.33 -0.52
C THR A 103 -8.24 5.50 -1.24
N ILE A 104 -8.59 5.91 -2.46
CA ILE A 104 -9.58 5.22 -3.27
C ILE A 104 -9.03 5.02 -4.68
N ASP A 105 -9.53 3.99 -5.37
CA ASP A 105 -9.18 3.67 -6.75
C ASP A 105 -10.22 2.67 -7.24
N LEU A 106 -10.20 2.38 -8.54
CA LEU A 106 -11.13 1.42 -9.10
C LEU A 106 -10.41 0.17 -9.59
N TRP A 107 -11.19 -0.89 -9.74
CA TRP A 107 -10.71 -2.24 -9.95
C TRP A 107 -11.88 -3.08 -10.42
N THR A 108 -11.60 -4.07 -11.24
CA THR A 108 -12.65 -4.86 -11.85
C THR A 108 -12.22 -6.33 -11.83
N ASP A 109 -13.09 -7.18 -11.29
CA ASP A 109 -12.75 -8.57 -11.05
C ASP A 109 -12.74 -9.37 -12.34
N ASN A 110 -12.05 -10.51 -12.29
CA ASN A 110 -11.76 -11.30 -13.48
C ASN A 110 -12.83 -12.34 -13.77
N TYR A 111 -14.02 -12.22 -13.20
CA TYR A 111 -15.05 -13.21 -13.53
C TYR A 111 -16.39 -12.56 -13.88
N ILE A 112 -16.88 -11.66 -13.03
CA ILE A 112 -18.08 -10.94 -13.38
C ILE A 112 -17.74 -9.62 -14.06
N LYS A 113 -16.57 -9.05 -13.72
CA LYS A 113 -16.11 -7.78 -14.25
C LYS A 113 -16.98 -6.62 -13.76
N ARG A 114 -17.41 -6.69 -12.50
CA ARG A 114 -18.09 -5.55 -11.92
C ARG A 114 -17.07 -4.45 -11.65
N ASN A 115 -17.38 -3.22 -12.06
CA ASN A 115 -16.57 -2.09 -11.63
C ASN A 115 -16.66 -1.98 -10.12
N PHE A 116 -15.51 -1.82 -9.48
CA PHE A 116 -15.45 -1.77 -8.04
C PHE A 116 -14.77 -0.51 -7.58
N LEU A 117 -15.22 0.02 -6.45
CA LEU A 117 -14.58 1.17 -5.82
C LEU A 117 -14.17 0.81 -4.41
N GLY A 118 -12.88 0.92 -4.13
CA GLY A 118 -12.33 0.60 -2.82
C GLY A 118 -11.97 1.86 -2.06
N VAL A 119 -12.18 1.82 -0.75
CA VAL A 119 -11.81 2.92 0.14
C VAL A 119 -11.09 2.34 1.36
N THR A 120 -10.01 2.98 1.78
CA THR A 120 -9.35 2.70 3.04
C THR A 120 -9.32 3.98 3.85
N LEU A 121 -8.96 3.86 5.13
CA LEU A 121 -8.84 5.04 5.98
C LEU A 121 -7.58 4.94 6.83
N HIS A 122 -7.03 6.11 7.16
CA HIS A 122 -5.68 6.21 7.70
C HIS A 122 -5.60 7.32 8.75
N TYR A 123 -5.31 6.93 10.00
CA TYR A 123 -5.12 7.88 11.09
C TYR A 123 -4.18 7.29 12.13
N HIS A 124 -3.68 8.17 13.01
CA HIS A 124 -2.76 7.83 14.08
C HIS A 124 -3.49 7.78 15.43
N GLU A 125 -2.98 6.93 16.34
CA GLU A 125 -3.62 6.72 17.63
C GLU A 125 -2.60 6.50 18.76
N ASN A 126 -2.49 5.26 19.25
CA ASN A 126 -1.53 4.92 20.29
C ASN A 126 -0.17 4.64 19.65
N ASN A 127 0.56 5.72 19.34
CA ASN A 127 1.83 5.70 18.65
C ASN A 127 1.89 4.63 17.55
N GLU A 128 0.82 4.52 16.77
CA GLU A 128 0.71 3.49 15.74
C GLU A 128 -0.28 3.94 14.67
N LEU A 129 -0.19 3.31 13.51
CA LEU A 129 -0.99 3.69 12.35
C LEU A 129 -2.10 2.68 12.07
N ARG A 130 -3.18 3.17 11.48
CA ARG A 130 -4.36 2.37 11.19
C ARG A 130 -4.63 2.40 9.70
N ASP A 131 -4.34 1.29 9.03
CA ASP A 131 -4.76 1.10 7.65
C ASP A 131 -5.97 0.19 7.70
N LEU A 132 -7.16 0.76 7.53
CA LEU A 132 -8.41 0.03 7.63
C LEU A 132 -9.20 0.14 6.34
N ILE A 133 -9.74 -1.00 5.90
CA ILE A 133 -10.53 -1.11 4.67
C ILE A 133 -11.96 -0.69 4.98
N LEU A 134 -12.33 0.54 4.62
CA LEU A 134 -13.71 0.98 4.81
C LEU A 134 -14.68 0.23 3.92
N GLY A 135 -14.61 0.44 2.60
CA GLY A 135 -15.57 -0.18 1.70
C GLY A 135 -14.95 -0.66 0.40
N LEU A 136 -15.68 -1.59 -0.23
CA LEU A 136 -15.44 -2.02 -1.60
C LEU A 136 -16.81 -2.33 -2.19
N LYS A 137 -17.40 -1.34 -2.87
CA LYS A 137 -18.75 -1.47 -3.39
C LYS A 137 -18.73 -1.38 -4.91
N SER A 138 -19.56 -2.19 -5.54
CA SER A 138 -19.69 -2.14 -6.99
C SER A 138 -20.46 -0.89 -7.39
N LEU A 139 -20.18 -0.42 -8.60
CA LEU A 139 -21.11 0.50 -9.25
C LEU A 139 -22.20 -0.24 -9.96
N ASP A 140 -22.45 -1.48 -9.53
CA ASP A 140 -23.21 -2.44 -10.31
C ASP A 140 -22.67 -2.33 -11.73
N PHE A 141 -23.32 -1.53 -12.58
CA PHE A 141 -22.77 -1.30 -13.91
C PHE A 141 -23.06 0.10 -14.42
N GLU A 142 -23.13 1.07 -13.52
CA GLU A 142 -23.15 2.46 -13.96
C GLU A 142 -21.83 2.77 -14.67
N ARG A 143 -21.87 3.77 -15.55
CA ARG A 143 -20.63 4.31 -16.08
C ARG A 143 -19.76 4.79 -14.93
N SER A 144 -18.47 4.52 -15.02
CA SER A 144 -17.55 4.99 -14.00
C SER A 144 -17.38 6.50 -14.07
N THR A 145 -18.48 7.24 -14.02
CA THR A 145 -18.40 8.68 -14.11
C THR A 145 -18.18 9.28 -12.73
N ALA A 146 -17.46 10.41 -12.71
CA ALA A 146 -17.16 11.11 -11.47
C ALA A 146 -18.36 11.14 -10.51
N GLU A 147 -19.49 11.69 -10.95
CA GLU A 147 -20.63 11.87 -10.05
C GLU A 147 -21.18 10.55 -9.53
N ASN A 148 -21.04 9.46 -10.30
CA ASN A 148 -21.42 8.14 -9.79
C ASN A 148 -20.45 7.68 -8.72
N ILE A 149 -19.18 7.99 -8.92
CA ILE A 149 -18.14 7.62 -7.98
C ILE A 149 -18.33 8.35 -6.66
N TYR A 150 -18.48 9.68 -6.73
CA TYR A 150 -18.76 10.45 -5.54
C TYR A 150 -20.06 9.97 -4.89
N LYS A 151 -21.04 9.62 -5.72
CA LYS A 151 -22.25 8.98 -5.21
C LYS A 151 -21.89 7.78 -4.34
N LYS A 152 -21.06 6.87 -4.85
CA LYS A 152 -20.72 5.70 -4.05
C LYS A 152 -19.67 6.00 -2.98
N LEU A 153 -18.89 7.07 -3.14
CA LEU A 153 -18.00 7.51 -2.08
C LEU A 153 -18.79 7.84 -0.82
N LYS A 154 -19.79 8.71 -0.98
CA LYS A 154 -20.62 9.10 0.16
C LYS A 154 -21.26 7.89 0.82
N ALA A 155 -21.72 6.92 0.03
CA ALA A 155 -22.42 5.78 0.61
C ALA A 155 -21.53 4.96 1.53
N ILE A 156 -20.22 4.92 1.26
CA ILE A 156 -19.32 4.21 2.17
C ILE A 156 -19.22 4.96 3.49
N PHE A 157 -19.12 6.29 3.43
CA PHE A 157 -18.98 7.11 4.63
C PHE A 157 -20.28 7.24 5.41
N SER A 158 -21.43 7.09 4.74
CA SER A 158 -22.68 7.12 5.48
C SER A 158 -22.89 5.82 6.26
N GLN A 159 -22.14 4.77 5.95
CA GLN A 159 -22.22 3.53 6.70
C GLN A 159 -21.77 3.73 8.15
N PHE A 160 -20.76 4.57 8.36
CA PHE A 160 -20.24 4.87 9.68
C PHE A 160 -20.71 6.22 10.17
N ASN A 161 -21.66 6.84 9.48
CA ASN A 161 -22.25 8.12 9.85
C ASN A 161 -21.23 9.25 9.74
N VAL A 162 -20.47 9.24 8.67
CA VAL A 162 -19.60 10.34 8.31
C VAL A 162 -20.26 11.09 7.16
N GLU A 163 -20.13 12.42 7.16
CA GLU A 163 -20.91 13.17 6.19
C GLU A 163 -20.29 14.48 5.73
N ASP A 164 -19.41 15.11 6.52
CA ASP A 164 -18.79 16.33 6.06
C ASP A 164 -17.67 16.06 5.08
N LEU A 165 -16.99 14.92 5.22
CA LEU A 165 -15.81 14.49 4.48
C LEU A 165 -15.03 15.62 3.80
N SER A 166 -15.04 16.80 4.41
CA SER A 166 -14.18 17.87 3.96
C SER A 166 -12.81 17.76 4.62
N SER A 167 -12.80 17.45 5.92
CA SER A 167 -11.57 17.41 6.72
C SER A 167 -10.72 16.21 6.30
N ILE A 168 -11.19 15.42 5.33
CA ILE A 168 -10.51 14.20 4.93
C ILE A 168 -9.54 14.52 3.83
N LYS A 169 -8.33 13.95 3.95
CA LYS A 169 -7.29 14.07 2.94
C LYS A 169 -7.30 12.83 2.06
N PHE A 170 -7.60 13.00 0.78
CA PHE A 170 -7.76 11.90 -0.15
C PHE A 170 -6.51 11.74 -1.01
N VAL A 171 -6.14 10.48 -1.26
CA VAL A 171 -4.92 10.14 -1.99
C VAL A 171 -5.29 9.15 -3.08
N THR A 172 -5.18 9.58 -4.35
CA THR A 172 -5.57 8.76 -5.48
C THR A 172 -4.59 8.96 -6.64
N ASP A 173 -4.73 8.12 -7.67
CA ASP A 173 -4.02 8.28 -8.92
C ASP A 173 -4.69 9.36 -9.77
N ARG A 174 -4.06 9.72 -10.88
CA ARG A 174 -4.55 10.85 -11.66
C ARG A 174 -5.62 10.47 -12.68
N GLY A 175 -6.26 9.30 -12.50
CA GLY A 175 -7.35 8.89 -13.36
C GLY A 175 -8.34 10.01 -13.50
N ALA A 176 -8.55 10.48 -14.74
CA ALA A 176 -9.32 11.70 -14.97
C ALA A 176 -10.67 11.65 -14.27
N ASN A 177 -11.42 10.56 -14.46
CA ASN A 177 -12.74 10.47 -13.86
C ASN A 177 -12.65 10.57 -12.34
N VAL A 178 -11.64 9.94 -11.73
CA VAL A 178 -11.50 10.01 -10.28
C VAL A 178 -11.18 11.43 -9.83
N VAL A 179 -10.11 11.99 -10.40
CA VAL A 179 -9.62 13.33 -10.07
C VAL A 179 -10.76 14.33 -9.91
N LYS A 180 -11.75 14.27 -10.82
CA LYS A 180 -12.83 15.24 -10.78
C LYS A 180 -13.77 15.00 -9.60
N SER A 181 -14.12 13.74 -9.34
CA SER A 181 -14.98 13.41 -8.20
C SER A 181 -14.55 14.17 -6.95
N LEU A 182 -13.25 14.24 -6.69
CA LEU A 182 -12.73 14.80 -5.46
C LEU A 182 -12.28 16.24 -5.62
N ALA A 183 -12.75 16.94 -6.65
CA ALA A 183 -12.37 18.33 -6.86
C ALA A 183 -12.93 19.25 -5.78
N ASN A 184 -13.82 18.75 -4.92
CA ASN A 184 -14.42 19.56 -3.88
C ASN A 184 -13.68 19.48 -2.55
N ASN A 185 -12.72 18.56 -2.40
CA ASN A 185 -12.09 18.37 -1.10
C ASN A 185 -10.60 18.07 -1.29
N ILE A 186 -9.97 17.66 -0.19
CA ILE A 186 -8.53 17.51 -0.12
C ILE A 186 -8.10 16.24 -0.86
N ARG A 187 -7.21 16.40 -1.83
CA ARG A 187 -6.82 15.32 -2.72
C ARG A 187 -5.32 15.42 -3.00
N ILE A 188 -4.59 14.38 -2.62
CA ILE A 188 -3.13 14.33 -2.76
C ILE A 188 -2.77 13.30 -3.81
N ASN A 189 -1.77 13.63 -4.65
CA ASN A 189 -1.40 12.78 -5.79
C ASN A 189 -0.52 11.61 -5.36
N CYS A 190 -0.95 10.39 -5.72
CA CYS A 190 -0.18 9.20 -5.37
C CYS A 190 1.20 9.27 -6.01
N SER A 191 2.24 9.23 -5.18
CA SER A 191 3.58 9.42 -5.71
C SER A 191 4.15 8.16 -6.35
N SER A 192 3.43 7.04 -6.28
CA SER A 192 3.89 5.86 -6.98
C SER A 192 3.50 5.93 -8.44
N HIS A 193 2.29 6.40 -8.74
CA HIS A 193 1.92 6.63 -10.12
C HIS A 193 2.80 7.72 -10.73
N LEU A 194 3.01 8.82 -10.01
CA LEU A 194 3.93 9.85 -10.47
C LEU A 194 5.31 9.28 -10.79
N LEU A 195 5.89 8.56 -9.84
CA LEU A 195 7.18 7.93 -10.09
C LEU A 195 7.10 6.99 -11.28
N SER A 196 6.05 6.18 -11.34
CA SER A 196 5.87 5.30 -12.49
C SER A 196 5.74 6.11 -13.77
N ASN A 197 5.01 7.22 -13.72
CA ASN A 197 4.92 8.09 -14.88
C ASN A 197 6.31 8.58 -15.29
N VAL A 198 7.18 8.86 -14.33
CA VAL A 198 8.51 9.36 -14.68
C VAL A 198 9.29 8.31 -15.44
N LEU A 199 9.33 7.08 -14.93
CA LEU A 199 10.00 6.00 -15.65
C LEU A 199 9.42 5.83 -17.04
N GLU A 200 8.10 5.57 -17.12
CA GLU A 200 7.42 5.35 -18.39
C GLU A 200 7.80 6.40 -19.41
N ASN A 201 7.58 7.67 -19.06
CA ASN A 201 7.86 8.74 -20.02
C ASN A 201 9.34 8.87 -20.28
N SER A 202 10.18 8.61 -19.27
CA SER A 202 11.62 8.69 -19.50
C SER A 202 12.10 7.66 -20.50
N PHE A 203 11.65 6.42 -20.37
CA PHE A 203 12.16 5.37 -21.25
C PHE A 203 11.57 5.45 -22.64
N GLU A 204 10.32 5.91 -22.73
CA GLU A 204 9.74 6.28 -24.02
C GLU A 204 10.61 7.31 -24.71
N GLU A 205 11.10 8.30 -23.96
CA GLU A 205 11.89 9.41 -24.47
C GLU A 205 13.37 9.08 -24.65
N THR A 206 13.79 7.83 -24.46
CA THR A 206 15.16 7.41 -24.74
C THR A 206 15.13 6.12 -25.57
N PRO A 207 14.66 6.21 -26.81
CA PRO A 207 14.52 4.99 -27.64
C PRO A 207 15.85 4.38 -28.04
N GLU A 208 16.97 5.03 -27.76
CA GLU A 208 18.28 4.41 -27.89
C GLU A 208 18.37 3.09 -27.10
N LEU A 209 17.63 2.99 -25.99
CA LEU A 209 17.66 1.80 -25.14
C LEU A 209 16.62 0.76 -25.55
N ASN A 210 15.85 1.01 -26.60
CA ASN A 210 14.82 0.06 -27.00
C ASN A 210 15.44 -1.22 -27.53
N MET A 211 16.58 -1.11 -28.20
CA MET A 211 17.21 -2.30 -28.79
C MET A 211 17.61 -3.29 -27.70
N PRO A 212 18.40 -2.91 -26.68
CA PRO A 212 18.70 -3.88 -25.61
C PRO A 212 17.44 -4.44 -24.98
N ILE A 213 16.53 -3.56 -24.54
CA ILE A 213 15.35 -4.01 -23.80
C ILE A 213 14.55 -5.02 -24.61
N LEU A 214 14.10 -4.64 -25.79
CA LEU A 214 13.32 -5.57 -26.62
C LEU A 214 13.99 -6.93 -26.73
N ALA A 215 15.32 -6.96 -26.92
CA ALA A 215 15.99 -8.25 -27.05
C ALA A 215 15.86 -9.07 -25.78
N CYS A 216 15.99 -8.42 -24.62
CA CYS A 216 15.70 -9.08 -23.35
C CYS A 216 14.29 -9.65 -23.35
N LYS A 217 13.30 -8.82 -23.70
CA LYS A 217 11.92 -9.29 -23.70
C LYS A 217 11.76 -10.51 -24.61
N ASN A 218 12.47 -10.51 -25.74
CA ASN A 218 12.42 -11.65 -26.64
C ASN A 218 13.09 -12.88 -26.05
N ILE A 219 14.04 -12.68 -25.13
CA ILE A 219 14.60 -13.79 -24.37
C ILE A 219 13.54 -14.41 -23.47
N VAL A 220 13.00 -13.62 -22.54
CA VAL A 220 11.92 -14.09 -21.67
C VAL A 220 10.84 -14.79 -22.49
N LYS A 221 10.37 -14.12 -23.55
CA LYS A 221 9.27 -14.66 -24.34
C LYS A 221 9.61 -16.03 -24.89
N TYR A 222 10.88 -16.26 -25.23
CA TYR A 222 11.30 -17.56 -25.73
C TYR A 222 11.41 -18.60 -24.62
N PHE A 223 11.96 -18.21 -23.47
CA PHE A 223 12.03 -19.13 -22.34
C PHE A 223 10.64 -19.60 -21.94
N LYS A 224 9.66 -18.70 -21.95
CA LYS A 224 8.30 -19.13 -21.63
C LYS A 224 7.75 -20.05 -22.71
N LYS A 225 8.01 -19.75 -23.98
CA LYS A 225 7.41 -20.53 -25.06
C LYS A 225 8.04 -21.92 -25.18
N ALA A 226 9.33 -22.05 -24.88
CA ALA A 226 10.01 -23.33 -25.03
C ALA A 226 10.07 -24.15 -23.73
N ASN A 227 9.35 -23.73 -22.68
CA ASN A 227 9.22 -24.52 -21.45
C ASN A 227 10.58 -24.79 -20.81
N LEU A 228 11.43 -23.77 -20.79
CA LEU A 228 12.76 -23.92 -20.20
C LEU A 228 13.09 -22.78 -19.26
N GLN A 229 12.15 -22.37 -18.41
CA GLN A 229 12.51 -21.61 -17.23
C GLN A 229 12.88 -22.52 -16.07
N HIS A 230 12.74 -23.83 -16.26
CA HIS A 230 12.98 -24.78 -15.18
C HIS A 230 14.46 -24.93 -14.85
N ARG A 231 15.36 -24.68 -15.83
CA ARG A 231 16.79 -24.76 -15.60
C ARG A 231 17.38 -23.48 -15.00
N LEU A 232 16.54 -22.53 -14.66
CA LEU A 232 16.99 -21.33 -13.98
C LEU A 232 16.74 -21.47 -12.49
N ARG A 233 17.68 -20.97 -11.70
CA ARG A 233 17.50 -20.91 -10.27
C ARG A 233 16.66 -19.72 -9.83
N SER A 234 16.28 -18.87 -10.78
CA SER A 234 15.44 -17.71 -10.53
C SER A 234 14.86 -17.34 -11.89
N SER A 235 13.68 -17.87 -12.20
CA SER A 235 13.12 -17.74 -13.54
C SER A 235 13.10 -16.29 -14.00
N LEU A 236 13.15 -16.08 -15.31
CA LEU A 236 13.12 -14.75 -15.90
C LEU A 236 11.71 -14.17 -15.87
N LYS A 237 11.62 -12.87 -15.61
CA LYS A 237 10.36 -12.24 -15.24
C LYS A 237 9.63 -11.65 -16.46
N SER A 238 8.33 -11.38 -16.26
CA SER A 238 7.48 -10.81 -17.31
C SER A 238 8.08 -9.54 -17.90
N GLU A 239 8.09 -9.48 -19.23
CA GLU A 239 8.62 -8.35 -19.98
C GLU A 239 8.05 -6.99 -19.55
N CYS A 240 6.91 -6.59 -20.09
CA CYS A 240 6.37 -5.27 -19.81
C CYS A 240 4.85 -5.19 -19.55
N PRO A 241 4.19 -6.23 -19.02
CA PRO A 241 2.82 -6.02 -18.52
C PRO A 241 2.76 -5.09 -17.33
N THR A 242 3.55 -4.02 -17.35
CA THR A 242 3.35 -2.81 -16.53
C THR A 242 3.04 -3.08 -15.06
N ARG A 243 3.78 -3.95 -14.41
CA ARG A 243 3.79 -3.94 -12.95
C ARG A 243 4.90 -2.99 -12.53
N TRP A 244 4.54 -1.79 -12.04
CA TRP A 244 5.45 -0.81 -11.44
C TRP A 244 6.91 -1.23 -11.32
N ASN A 245 7.77 -0.66 -12.15
CA ASN A 245 9.20 -0.98 -12.21
C ASN A 245 9.47 -2.37 -12.75
N SER A 246 8.53 -2.94 -13.51
CA SER A 246 8.76 -4.26 -14.08
C SER A 246 9.93 -4.27 -15.04
N THR A 247 10.34 -3.10 -15.55
CA THR A 247 11.42 -3.11 -16.52
C THR A 247 12.75 -3.42 -15.84
N TYR A 248 12.97 -2.88 -14.66
CA TYR A 248 14.07 -3.33 -13.82
C TYR A 248 13.93 -4.80 -13.45
N THR A 249 12.69 -5.24 -13.21
CA THR A 249 12.48 -6.59 -12.71
C THR A 249 12.98 -7.62 -13.72
N MET A 250 12.48 -7.55 -14.95
CA MET A 250 12.98 -8.44 -15.99
C MET A 250 14.49 -8.33 -16.13
N LEU A 251 15.00 -7.09 -16.21
CA LEU A 251 16.42 -6.90 -16.48
C LEU A 251 17.28 -7.59 -15.44
N ARG A 252 16.89 -7.49 -14.18
CA ARG A 252 17.63 -8.15 -13.11
C ARG A 252 17.52 -9.66 -13.24
N SER A 253 16.31 -10.19 -13.40
CA SER A 253 16.17 -11.63 -13.50
C SER A 253 16.91 -12.15 -14.71
N ILE A 254 17.01 -11.34 -15.76
CA ILE A 254 17.83 -11.75 -16.90
C ILE A 254 19.30 -11.69 -16.52
N LEU A 255 19.72 -10.59 -15.90
CA LEU A 255 21.11 -10.48 -15.54
C LEU A 255 21.50 -11.53 -14.51
N ASP A 256 20.63 -11.74 -13.53
CA ASP A 256 20.92 -12.66 -12.43
C ASP A 256 20.96 -14.11 -12.92
N ASN A 257 20.72 -14.31 -14.21
CA ASN A 257 20.82 -15.62 -14.81
C ASN A 257 21.57 -15.54 -16.13
N TRP A 258 22.52 -14.61 -16.22
CA TRP A 258 23.24 -14.38 -17.47
C TRP A 258 23.95 -15.64 -17.95
N GLU A 259 24.81 -16.19 -17.08
CA GLU A 259 25.66 -17.33 -17.46
C GLU A 259 24.82 -18.53 -17.88
N SER A 260 23.79 -18.85 -17.10
CA SER A 260 22.95 -19.99 -17.43
C SER A 260 22.21 -19.75 -18.73
N VAL A 261 21.83 -18.49 -18.99
CA VAL A 261 21.06 -18.18 -20.19
C VAL A 261 21.93 -18.35 -21.43
N ILE A 262 23.13 -17.77 -21.43
CA ILE A 262 24.00 -17.95 -22.60
C ILE A 262 24.18 -19.44 -22.88
N GLN A 263 24.30 -20.24 -21.81
CA GLN A 263 24.53 -21.67 -21.94
C GLN A 263 23.29 -22.37 -22.49
N ILE A 264 22.13 -22.08 -21.90
CA ILE A 264 20.89 -22.69 -22.37
C ILE A 264 20.64 -22.35 -23.83
N LEU A 265 20.85 -21.09 -24.21
CA LEU A 265 20.67 -20.68 -25.60
C LEU A 265 21.68 -21.36 -26.51
N SER A 266 22.90 -21.56 -26.02
CA SER A 266 23.93 -22.24 -26.79
C SER A 266 23.49 -23.65 -27.14
N GLU A 267 22.99 -24.40 -26.16
CA GLU A 267 22.52 -25.76 -26.40
C GLU A 267 21.43 -25.77 -27.46
N ALA A 268 20.55 -24.76 -27.44
CA ALA A 268 19.44 -24.65 -28.37
C ALA A 268 19.88 -24.27 -29.77
N GLY A 269 21.13 -23.81 -29.94
CA GLY A 269 21.60 -23.33 -31.22
C GLY A 269 21.03 -21.96 -31.48
N GLU A 270 20.25 -21.51 -30.50
CA GLU A 270 19.61 -20.20 -30.53
C GLU A 270 20.51 -19.12 -29.95
N THR A 271 21.84 -19.31 -30.01
CA THR A 271 22.76 -18.31 -29.51
C THR A 271 22.66 -16.99 -30.25
N GLN A 272 21.92 -16.95 -31.36
CA GLN A 272 21.84 -15.76 -32.18
C GLN A 272 21.16 -14.61 -31.46
N ARG A 273 20.24 -14.89 -30.54
CA ARG A 273 19.32 -13.89 -30.03
C ARG A 273 19.72 -13.33 -28.66
N ILE A 274 21.00 -13.40 -28.31
CA ILE A 274 21.47 -12.84 -27.04
C ILE A 274 22.77 -12.11 -27.26
N VAL A 275 23.50 -12.52 -28.30
CA VAL A 275 24.84 -11.98 -28.54
C VAL A 275 24.82 -10.49 -28.85
N HIS A 276 23.72 -9.95 -29.35
CA HIS A 276 23.69 -8.54 -29.71
C HIS A 276 23.33 -7.64 -28.54
N ILE A 277 23.21 -8.20 -27.34
CA ILE A 277 22.82 -7.45 -26.16
C ILE A 277 24.07 -6.91 -25.48
N ASN A 278 24.30 -5.60 -25.59
CA ASN A 278 25.36 -4.96 -24.84
C ASN A 278 25.10 -5.12 -23.35
N LYS A 279 25.63 -6.18 -22.75
CA LYS A 279 25.41 -6.38 -21.33
C LYS A 279 25.88 -5.20 -20.50
N SER A 280 26.98 -4.58 -20.91
CA SER A 280 27.52 -3.43 -20.17
C SER A 280 26.41 -2.45 -19.79
N ILE A 281 25.51 -2.19 -20.74
CA ILE A 281 24.42 -1.24 -20.53
C ILE A 281 23.37 -1.81 -19.60
N ILE A 282 22.89 -3.01 -19.91
CA ILE A 282 21.91 -3.71 -19.09
C ILE A 282 22.27 -3.52 -17.62
N GLN A 283 23.46 -4.00 -17.26
CA GLN A 283 23.97 -3.81 -15.91
C GLN A 283 23.79 -2.39 -15.42
N THR A 284 24.18 -1.40 -16.24
CA THR A 284 24.13 -0.02 -15.79
C THR A 284 22.71 0.41 -15.50
N MET A 285 21.78 0.01 -16.36
CA MET A 285 20.37 0.27 -16.10
C MET A 285 19.93 -0.33 -14.76
N VAL A 286 20.38 -1.56 -14.48
CA VAL A 286 19.90 -2.26 -13.29
C VAL A 286 20.43 -1.59 -12.02
N ASN A 287 21.65 -1.06 -12.05
CA ASN A 287 22.13 -0.32 -10.89
C ASN A 287 21.33 0.96 -10.69
N ILE A 288 21.02 1.66 -11.78
CA ILE A 288 20.30 2.92 -11.69
C ILE A 288 18.88 2.69 -11.20
N LEU A 289 18.22 1.67 -11.76
CA LEU A 289 16.86 1.37 -11.32
C LEU A 289 16.82 0.69 -9.96
N ASP A 290 17.93 0.08 -9.55
CA ASP A 290 17.99 -0.50 -8.21
C ASP A 290 17.71 0.55 -7.15
N GLY A 291 18.38 1.70 -7.23
CA GLY A 291 18.03 2.80 -6.34
C GLY A 291 16.55 3.13 -6.35
N PHE A 292 15.92 3.04 -7.52
CA PHE A 292 14.51 3.40 -7.67
C PHE A 292 13.60 2.44 -6.91
N GLU A 293 13.81 1.13 -7.10
CA GLU A 293 12.99 0.12 -6.45
C GLU A 293 12.95 0.33 -4.94
N ARG A 294 14.03 0.86 -4.36
CA ARG A 294 14.02 1.24 -2.95
C ARG A 294 12.95 2.28 -2.67
N ILE A 295 12.81 3.25 -3.57
CA ILE A 295 11.83 4.30 -3.34
C ILE A 295 10.42 3.77 -3.52
N PHE A 296 10.23 2.81 -4.42
CA PHE A 296 8.92 2.22 -4.62
C PHE A 296 8.40 1.57 -3.34
N LYS A 297 9.21 0.67 -2.76
CA LYS A 297 8.80 -0.01 -1.53
C LYS A 297 8.65 0.96 -0.37
N GLU A 298 9.54 1.96 -0.30
CA GLU A 298 9.43 2.98 0.73
C GLU A 298 8.10 3.71 0.67
N LEU A 299 7.54 3.90 -0.52
CA LEU A 299 6.34 4.69 -0.69
C LEU A 299 5.06 3.86 -0.73
N GLN A 300 5.17 2.53 -0.67
CA GLN A 300 4.01 1.67 -0.56
C GLN A 300 3.68 1.33 0.89
N THR A 301 4.23 2.07 1.85
CA THR A 301 4.11 1.77 3.27
C THR A 301 3.01 2.61 3.90
N CYS A 302 2.05 1.93 4.52
CA CYS A 302 1.00 2.56 5.31
C CYS A 302 1.02 2.12 6.77
N SER A 303 2.02 1.33 7.18
CA SER A 303 2.25 0.99 8.58
C SER A 303 3.40 1.79 9.17
N SER A 304 3.77 2.90 8.54
CA SER A 304 4.80 3.83 8.96
C SER A 304 4.62 5.07 8.11
N PRO A 305 4.92 6.27 8.61
CA PRO A 305 4.67 7.48 7.83
C PRO A 305 5.46 7.49 6.53
N SER A 306 4.77 7.73 5.42
CA SER A 306 5.44 7.75 4.12
C SER A 306 5.40 9.10 3.43
N LEU A 307 4.28 9.81 3.51
CA LEU A 307 4.13 11.13 2.90
C LEU A 307 5.36 12.01 3.09
N CYS A 308 5.93 11.95 4.29
CA CYS A 308 7.08 12.80 4.61
C CYS A 308 8.32 12.42 3.82
N PHE A 309 8.38 11.20 3.29
CA PHE A 309 9.56 10.73 2.57
C PHE A 309 9.48 11.00 1.07
N VAL A 310 8.55 11.84 0.63
CA VAL A 310 8.39 12.09 -0.80
C VAL A 310 9.46 13.03 -1.32
N VAL A 311 9.54 14.22 -0.73
CA VAL A 311 10.54 15.19 -1.15
C VAL A 311 11.97 14.63 -1.13
N PRO A 312 12.44 13.99 -0.05
CA PRO A 312 13.85 13.54 -0.06
C PRO A 312 14.12 12.44 -1.05
N SER A 313 13.10 11.64 -1.37
CA SER A 313 13.24 10.66 -2.44
C SER A 313 13.62 11.33 -3.75
N ILE A 314 12.89 12.38 -4.13
CA ILE A 314 13.17 13.14 -5.35
C ILE A 314 14.64 13.57 -5.40
N LEU A 315 15.19 13.99 -4.27
CA LEU A 315 16.59 14.39 -4.25
C LEU A 315 17.51 13.18 -4.49
N LYS A 316 17.15 12.02 -3.95
CA LYS A 316 17.93 10.81 -4.23
C LYS A 316 17.92 10.49 -5.71
N VAL A 317 16.82 10.80 -6.39
CA VAL A 317 16.73 10.54 -7.83
C VAL A 317 17.54 11.57 -8.61
N LYS A 318 17.42 12.85 -8.26
CA LYS A 318 18.34 13.84 -8.80
C LYS A 318 19.79 13.41 -8.65
N GLU A 319 20.10 12.51 -7.71
CA GLU A 319 21.44 12.05 -7.40
C GLU A 319 21.81 10.74 -8.08
N ILE A 320 20.91 9.75 -8.10
CA ILE A 320 21.17 8.57 -8.92
C ILE A 320 21.44 9.00 -10.34
N CYS A 321 20.68 9.99 -10.82
CA CYS A 321 20.83 10.57 -12.15
C CYS A 321 21.78 11.76 -12.20
N SER A 322 22.72 11.86 -11.27
CA SER A 322 23.70 12.95 -11.32
C SER A 322 24.55 12.81 -12.58
N PRO A 323 24.67 13.85 -13.40
CA PRO A 323 25.49 13.75 -14.62
C PRO A 323 26.93 13.38 -14.32
N ASP A 324 27.46 12.45 -15.13
CA ASP A 324 28.73 11.77 -14.88
C ASP A 324 29.44 11.57 -16.21
N VAL A 325 30.68 12.06 -16.33
CA VAL A 325 31.38 12.05 -17.61
C VAL A 325 31.86 10.66 -18.00
N GLY A 326 31.61 9.67 -17.15
CA GLY A 326 31.98 8.31 -17.49
C GLY A 326 30.89 7.50 -18.14
N ASP A 327 29.78 8.11 -18.55
CA ASP A 327 28.62 7.38 -19.03
C ASP A 327 28.59 7.34 -20.55
N VAL A 328 28.17 6.19 -21.10
CA VAL A 328 27.87 6.17 -22.53
C VAL A 328 26.70 7.11 -22.78
N ALA A 329 26.70 7.74 -23.95
CA ALA A 329 25.71 8.76 -24.22
C ALA A 329 24.28 8.25 -24.02
N ASP A 330 24.05 6.95 -24.26
CA ASP A 330 22.69 6.44 -24.16
C ASP A 330 22.18 6.45 -22.73
N ILE A 331 23.07 6.25 -21.77
CA ILE A 331 22.66 6.40 -20.39
C ILE A 331 22.63 7.86 -19.99
N ALA A 332 23.57 8.66 -20.51
CA ALA A 332 23.52 10.10 -20.28
C ALA A 332 22.17 10.64 -20.68
N LYS A 333 21.62 10.13 -21.79
CA LYS A 333 20.32 10.60 -22.24
C LYS A 333 19.24 10.27 -21.21
N LEU A 334 19.28 9.04 -20.69
CA LEU A 334 18.28 8.59 -19.72
C LEU A 334 18.28 9.47 -18.47
N LYS A 335 19.46 9.67 -17.88
CA LYS A 335 19.54 10.53 -16.70
C LYS A 335 19.11 11.95 -17.03
N VAL A 336 19.55 12.48 -18.17
CA VAL A 336 19.08 13.79 -18.63
C VAL A 336 17.56 13.80 -18.67
N ASN A 337 16.98 12.77 -19.29
CA ASN A 337 15.53 12.75 -19.45
C ASN A 337 14.83 12.58 -18.13
N ILE A 338 15.42 11.79 -17.23
CA ILE A 338 14.77 11.48 -15.96
C ILE A 338 14.77 12.68 -15.03
N ILE A 339 15.84 13.48 -15.02
CA ILE A 339 15.80 14.71 -14.24
C ILE A 339 14.76 15.66 -14.83
N LYS A 340 14.58 15.62 -16.14
CA LYS A 340 13.60 16.48 -16.77
C LYS A 340 12.18 16.10 -16.36
N ASN A 341 11.87 14.80 -16.37
CA ASN A 341 10.52 14.40 -16.02
C ASN A 341 10.26 14.55 -14.53
N VAL A 342 11.26 14.23 -13.69
CA VAL A 342 11.13 14.43 -12.25
C VAL A 342 10.68 15.85 -11.96
N ARG A 343 11.15 16.81 -12.74
CA ARG A 343 10.71 18.19 -12.57
C ARG A 343 9.28 18.36 -13.05
N ILE A 344 9.05 18.15 -14.35
CA ILE A 344 7.75 18.50 -14.94
C ILE A 344 6.64 17.51 -14.62
N ILE A 345 6.95 16.37 -14.01
CA ILE A 345 5.90 15.40 -13.71
C ILE A 345 5.79 15.23 -12.20
N TRP A 346 6.90 14.90 -11.54
CA TRP A 346 6.80 14.65 -10.11
C TRP A 346 6.69 15.95 -9.31
N GLU A 347 7.71 16.81 -9.40
CA GLU A 347 7.65 18.11 -8.73
C GLU A 347 6.38 18.86 -9.08
N GLU A 348 6.01 18.87 -10.36
CA GLU A 348 4.88 19.68 -10.83
C GLU A 348 3.59 19.36 -10.09
N ASN A 349 3.42 18.12 -9.61
CA ASN A 349 2.20 17.70 -8.94
C ASN A 349 2.40 17.44 -7.45
N LEU A 350 3.29 18.19 -6.81
CA LEU A 350 3.45 18.16 -5.37
C LEU A 350 2.72 19.35 -4.72
N SER A 351 2.43 19.22 -3.43
CA SER A 351 1.76 20.28 -2.69
C SER A 351 2.41 20.45 -1.32
N ILE A 352 1.98 21.51 -0.62
CA ILE A 352 2.50 21.82 0.70
C ILE A 352 2.18 20.74 1.72
N TRP A 353 1.40 19.73 1.36
CA TRP A 353 1.29 18.55 2.22
C TRP A 353 2.52 17.67 2.13
N HIS A 354 3.22 17.70 0.98
CA HIS A 354 4.45 16.91 0.82
C HIS A 354 5.65 17.62 1.43
N TYR A 355 5.67 18.94 1.39
CA TYR A 355 6.72 19.72 2.05
C TYR A 355 6.52 19.72 3.56
N THR A 356 5.32 20.11 4.02
CA THR A 356 5.06 20.18 5.45
C THR A 356 5.29 18.82 6.10
N ALA A 357 4.81 17.74 5.47
CA ALA A 357 5.11 16.41 5.98
C ALA A 357 6.61 16.20 6.12
N PHE A 358 7.38 16.70 5.15
CA PHE A 358 8.84 16.60 5.23
C PHE A 358 9.42 17.57 6.26
N PHE A 359 8.78 18.73 6.44
CA PHE A 359 9.22 19.66 7.46
C PHE A 359 9.20 19.02 8.85
N PHE A 360 8.16 18.23 9.13
CA PHE A 360 8.03 17.57 10.43
C PHE A 360 8.96 16.36 10.57
N TYR A 361 9.99 16.26 9.71
CA TYR A 361 11.12 15.35 9.93
C TYR A 361 12.20 16.09 10.70
N PRO A 362 12.70 15.55 11.81
CA PRO A 362 13.50 16.33 12.75
C PRO A 362 14.81 16.84 12.18
N PRO A 363 15.47 16.11 11.25
CA PRO A 363 16.53 16.78 10.47
C PRO A 363 16.00 17.90 9.58
N ALA A 364 15.49 18.95 10.22
CA ALA A 364 14.76 20.04 9.58
C ALA A 364 15.68 21.07 8.92
N LEU A 365 16.99 20.82 8.94
CA LEU A 365 17.94 21.78 8.37
C LEU A 365 17.70 22.00 6.88
N HIS A 366 17.26 20.97 6.17
CA HIS A 366 17.25 20.94 4.71
C HIS A 366 16.46 22.08 4.07
N MET A 367 15.14 22.00 4.12
CA MET A 367 14.28 22.91 3.36
C MET A 367 14.33 24.34 3.87
N GLN A 368 15.52 24.88 4.09
CA GLN A 368 15.63 26.23 4.65
C GLN A 368 15.15 27.28 3.67
N GLN A 369 15.24 27.02 2.37
CA GLN A 369 14.91 28.05 1.39
C GLN A 369 13.39 28.17 1.20
N GLU A 370 13.00 29.29 0.58
CA GLU A 370 11.65 29.72 0.23
C GLU A 370 10.47 29.02 0.93
N LYS A 371 10.54 27.70 1.10
CA LYS A 371 9.35 26.93 1.43
C LYS A 371 8.79 27.26 2.81
N VAL A 372 9.62 27.73 3.73
CA VAL A 372 9.11 27.98 5.08
C VAL A 372 8.12 29.14 5.10
N ALA A 373 8.25 30.08 4.17
CA ALA A 373 7.38 31.26 4.17
C ALA A 373 5.96 30.90 3.77
N GLN A 374 5.77 29.86 2.95
CA GLN A 374 4.45 29.34 2.68
C GLN A 374 4.06 28.22 3.64
N ILE A 375 5.04 27.43 4.11
CA ILE A 375 4.73 26.41 5.12
C ILE A 375 4.27 27.08 6.41
N LYS A 376 4.90 28.18 6.80
CA LYS A 376 4.41 28.91 7.96
C LYS A 376 2.99 29.39 7.72
N GLU A 377 2.71 29.94 6.54
CA GLU A 377 1.36 30.32 6.19
C GLU A 377 0.42 29.12 6.30
N PHE A 378 0.85 27.97 5.77
CA PHE A 378 0.04 26.76 5.85
C PHE A 378 -0.05 26.24 7.28
N CYS A 379 1.10 26.08 7.95
CA CYS A 379 1.12 25.43 9.27
C CYS A 379 0.22 26.15 10.26
N LEU A 380 0.21 27.48 10.21
CA LEU A 380 -0.56 28.24 11.20
C LEU A 380 -2.05 28.01 11.03
N SER A 381 -2.55 28.02 9.80
CA SER A 381 -3.99 27.95 9.58
C SER A 381 -4.57 26.58 9.91
N LYS A 382 -3.74 25.54 9.99
CA LYS A 382 -4.25 24.21 10.31
C LYS A 382 -4.36 24.01 11.82
N MET A 383 -3.33 24.41 12.56
CA MET A 383 -3.42 24.40 14.02
C MET A 383 -4.56 25.27 14.52
N GLU A 384 -4.95 26.29 13.73
CA GLU A 384 -6.09 27.12 14.08
C GLU A 384 -7.40 26.38 13.93
N ASP A 385 -7.49 25.47 12.96
CA ASP A 385 -8.71 24.68 12.77
C ASP A 385 -8.82 23.56 13.79
N LEU A 386 -7.72 23.13 14.39
CA LEU A 386 -7.78 22.20 15.51
C LEU A 386 -8.55 22.80 16.67
N GLU A 387 -8.07 23.96 17.15
CA GLU A 387 -8.74 24.68 18.22
C GLU A 387 -10.20 24.89 17.91
N LEU A 388 -10.52 25.43 16.73
CA LEU A 388 -11.90 25.62 16.30
C LEU A 388 -12.75 24.39 16.62
N ILE A 389 -12.35 23.22 16.12
CA ILE A 389 -13.11 22.00 16.38
C ILE A 389 -12.91 21.50 17.81
N ASN A 390 -11.85 21.95 18.49
CA ASN A 390 -11.61 21.51 19.87
C ASN A 390 -12.46 22.29 20.87
N ARG A 391 -12.67 23.59 20.63
CA ARG A 391 -13.58 24.35 21.47
C ARG A 391 -14.99 23.80 21.37
N MET A 392 -15.38 23.34 20.17
CA MET A 392 -16.68 22.69 20.02
C MET A 392 -16.76 21.40 20.83
N SER A 393 -15.63 20.87 21.28
CA SER A 393 -15.58 19.72 22.18
C SER A 393 -15.50 20.23 23.62
N SER A 394 -16.67 20.55 24.16
CA SER A 394 -16.82 20.92 25.56
C SER A 394 -18.30 20.83 25.88
N PHE A 395 -19.08 20.53 24.84
CA PHE A 395 -20.52 20.52 24.93
C PHE A 395 -21.05 19.09 24.92
N PRO A 422 2.21 34.00 25.43
CA PRO A 422 3.12 32.93 25.82
C PRO A 422 2.70 31.57 25.29
N VAL A 423 3.68 30.69 25.04
CA VAL A 423 3.54 29.34 24.50
C VAL A 423 2.56 29.29 23.33
N SER A 424 2.55 30.35 22.53
CA SER A 424 1.63 30.46 21.40
C SER A 424 2.19 29.72 20.19
N PRO A 425 1.33 29.38 19.22
CA PRO A 425 1.81 28.58 18.07
C PRO A 425 2.82 29.30 17.17
N SER A 426 2.59 30.56 16.82
CA SER A 426 3.50 31.24 15.88
C SER A 426 4.93 31.30 16.40
N ASP A 427 5.13 31.15 17.70
CA ASP A 427 6.47 31.00 18.26
C ASP A 427 6.83 29.53 18.45
N GLU A 428 5.85 28.72 18.87
CA GLU A 428 6.05 27.27 19.00
C GLU A 428 6.61 26.67 17.72
N PHE A 429 6.24 27.23 16.57
CA PHE A 429 6.81 26.91 15.26
C PHE A 429 8.32 27.04 15.30
N GLU A 430 8.83 28.27 15.44
CA GLU A 430 10.27 28.51 15.33
C GLU A 430 11.06 27.82 16.44
N PHE A 431 10.42 27.43 17.55
CA PHE A 431 11.10 26.62 18.55
C PHE A 431 11.44 25.23 18.02
N TYR A 432 10.61 24.72 17.11
CA TYR A 432 10.96 23.51 16.39
C TYR A 432 12.12 23.76 15.42
N ARG A 433 12.06 24.86 14.68
CA ARG A 433 13.05 25.12 13.64
C ARG A 433 14.45 25.30 14.19
N LYS A 434 14.61 25.59 15.48
CA LYS A 434 15.94 25.76 16.03
C LYS A 434 16.57 24.45 16.46
N GLU A 435 15.77 23.44 16.78
CA GLU A 435 16.32 22.20 17.28
C GLU A 435 17.13 21.48 16.21
N ILE A 436 17.92 20.52 16.67
CA ILE A 436 18.72 19.67 15.80
C ILE A 436 18.54 18.24 16.26
N VAL A 437 18.74 17.30 15.35
CA VAL A 437 18.70 15.88 15.67
C VAL A 437 19.67 15.17 14.75
N ILE A 438 20.03 13.95 15.14
CA ILE A 438 20.83 13.07 14.30
C ILE A 438 19.92 11.97 13.76
N LEU A 439 20.34 11.41 12.63
CA LEU A 439 19.56 10.41 11.92
C LEU A 439 20.07 9.01 12.27
N SER A 440 19.82 8.62 13.51
CA SER A 440 20.21 7.30 13.98
C SER A 440 19.33 6.23 13.35
N GLU A 441 19.93 5.11 12.95
CA GLU A 441 19.22 4.10 12.17
C GLU A 441 18.00 3.54 12.89
N ASP A 442 17.91 3.72 14.20
CA ASP A 442 16.76 3.27 14.98
C ASP A 442 15.72 4.36 15.15
N PHE A 443 15.93 5.53 14.56
CA PHE A 443 15.02 6.65 14.76
C PHE A 443 13.67 6.38 14.12
N LYS A 444 12.61 6.52 14.91
CA LYS A 444 11.24 6.46 14.41
C LYS A 444 10.59 7.81 14.70
N VAL A 445 10.46 8.64 13.66
CA VAL A 445 9.88 9.96 13.81
C VAL A 445 8.41 9.88 14.20
N MET A 446 7.77 8.73 14.00
CA MET A 446 6.43 8.54 14.53
C MET A 446 6.46 8.50 16.06
N GLU A 447 7.37 7.72 16.64
CA GLU A 447 7.52 7.72 18.10
C GLU A 447 8.05 9.04 18.60
N TRP A 448 8.85 9.75 17.78
CA TRP A 448 9.45 11.00 18.21
C TRP A 448 8.42 12.06 18.56
N TRP A 449 7.22 11.96 18.02
CA TRP A 449 6.23 12.98 18.33
C TRP A 449 5.34 12.60 19.50
N ASN A 450 5.06 11.30 19.68
CA ASN A 450 4.39 10.86 20.90
C ASN A 450 5.21 11.25 22.13
N LEU A 451 6.53 11.20 22.00
CA LEU A 451 7.49 11.59 23.04
C LEU A 451 7.91 13.05 22.90
N ASN A 452 6.95 13.94 22.62
CA ASN A 452 7.25 15.36 22.40
C ASN A 452 6.00 16.22 22.56
N SER A 453 4.84 15.57 22.77
CA SER A 453 3.57 16.29 22.81
C SER A 453 3.46 17.24 24.00
N LYS A 454 4.30 17.07 25.03
CA LYS A 454 4.22 17.94 26.20
C LYS A 454 4.62 19.37 25.84
N LYS A 455 5.85 19.56 25.34
CA LYS A 455 6.30 20.90 24.96
C LYS A 455 5.52 21.42 23.77
N TYR A 456 5.23 20.55 22.81
CA TYR A 456 4.45 20.94 21.63
C TYR A 456 3.08 20.29 21.71
N PRO A 457 2.10 20.91 22.38
CA PRO A 457 0.80 20.24 22.52
C PRO A 457 -0.05 20.28 21.27
N LYS A 458 -0.07 21.41 20.55
CA LYS A 458 -0.96 21.58 19.40
C LYS A 458 -0.26 21.42 18.05
N LEU A 459 1.07 21.49 17.99
CA LEU A 459 1.80 21.28 16.75
C LEU A 459 2.06 19.80 16.50
N SER A 460 2.36 19.05 17.55
CA SER A 460 2.57 17.61 17.40
C SER A 460 1.30 16.87 17.02
N LYS A 461 0.13 17.43 17.33
CA LYS A 461 -1.12 16.88 16.79
C LYS A 461 -1.24 17.18 15.29
N LEU A 462 -0.67 18.30 14.83
CA LEU A 462 -0.61 18.57 13.40
C LEU A 462 0.36 17.62 12.71
N ALA A 463 1.55 17.46 13.28
CA ALA A 463 2.56 16.57 12.72
C ALA A 463 2.03 15.16 12.51
N LEU A 464 1.70 14.45 13.59
CA LEU A 464 1.19 13.08 13.50
C LEU A 464 -0.10 12.98 12.69
N SER A 465 -0.74 14.11 12.37
CA SER A 465 -1.84 14.10 11.41
C SER A 465 -1.31 13.97 9.99
N LEU A 466 -0.17 14.60 9.70
CA LEU A 466 0.38 14.56 8.35
C LEU A 466 1.20 13.30 8.13
N LEU A 467 1.92 12.84 9.17
CA LEU A 467 2.61 11.56 9.08
C LEU A 467 1.66 10.38 8.95
N SER A 468 0.35 10.61 9.10
CA SER A 468 -0.62 9.55 8.89
C SER A 468 -0.98 9.37 7.43
N ILE A 469 -0.82 10.42 6.62
CA ILE A 469 -1.21 10.38 5.21
C ILE A 469 -0.28 9.45 4.44
N PRO A 470 -0.79 8.47 3.71
CA PRO A 470 0.10 7.61 2.94
C PRO A 470 0.53 8.31 1.66
N ALA A 471 1.79 8.09 1.29
CA ALA A 471 2.28 8.75 0.10
C ALA A 471 1.69 8.21 -1.19
N SER A 472 0.87 7.17 -1.15
CA SER A 472 0.36 6.57 -2.37
C SER A 472 -0.95 5.86 -2.09
N SER A 473 -1.61 5.43 -3.17
CA SER A 473 -2.84 4.65 -3.10
C SER A 473 -2.55 3.16 -3.12
N ALA A 474 -1.33 2.76 -2.78
CA ALA A 474 -0.98 1.34 -2.73
C ALA A 474 -1.84 0.58 -1.73
N ALA A 475 -2.33 1.26 -0.68
CA ALA A 475 -3.28 0.64 0.24
C ALA A 475 -4.47 0.07 -0.52
N SER A 476 -5.15 0.93 -1.28
CA SER A 476 -6.31 0.49 -2.03
C SER A 476 -5.93 -0.57 -3.05
N GLU A 477 -4.70 -0.51 -3.54
CA GLU A 477 -4.21 -1.54 -4.47
C GLU A 477 -4.19 -2.91 -3.81
N ARG A 478 -3.65 -3.01 -2.59
CA ARG A 478 -3.69 -4.27 -1.87
C ARG A 478 -5.11 -4.74 -1.62
N THR A 479 -6.06 -3.80 -1.44
CA THR A 479 -7.44 -4.23 -1.26
C THR A 479 -7.92 -4.99 -2.47
N PHE A 480 -7.54 -4.52 -3.66
CA PHE A 480 -7.87 -5.27 -4.87
C PHE A 480 -7.13 -6.61 -4.89
N SER A 481 -5.87 -6.60 -4.47
CA SER A 481 -5.18 -7.87 -4.29
C SER A 481 -5.97 -8.77 -3.37
N LEU A 482 -6.37 -8.23 -2.22
CA LEU A 482 -7.17 -9.00 -1.26
C LEU A 482 -8.50 -9.42 -1.89
N ALA A 483 -9.22 -8.45 -2.47
CA ALA A 483 -10.50 -8.78 -3.09
C ALA A 483 -10.34 -9.94 -4.05
N GLY A 484 -9.35 -9.84 -4.95
CA GLY A 484 -9.05 -10.94 -5.84
C GLY A 484 -8.77 -12.26 -5.13
N ASN A 485 -8.17 -12.20 -3.93
CA ASN A 485 -7.96 -13.43 -3.16
C ASN A 485 -9.26 -14.10 -2.74
N ILE A 486 -10.37 -13.38 -2.75
CA ILE A 486 -11.66 -13.94 -2.38
C ILE A 486 -12.44 -14.44 -3.58
N ILE A 487 -12.67 -13.57 -4.56
CA ILE A 487 -13.50 -13.91 -5.71
C ILE A 487 -12.59 -14.64 -6.69
N THR A 488 -12.70 -15.98 -6.69
CA THR A 488 -11.79 -16.90 -7.36
C THR A 488 -12.58 -17.81 -8.29
N GLU A 489 -11.89 -18.77 -8.89
CA GLU A 489 -12.54 -19.68 -9.83
C GLU A 489 -13.76 -20.33 -9.20
N LYS A 490 -13.54 -21.15 -8.16
CA LYS A 490 -14.64 -21.88 -7.56
C LYS A 490 -15.56 -20.93 -6.82
N ARG A 491 -15.01 -19.95 -6.11
CA ARG A 491 -15.81 -19.01 -5.32
C ARG A 491 -16.46 -17.96 -6.16
N ASN A 492 -16.58 -18.19 -7.48
CA ASN A 492 -16.93 -17.12 -8.41
C ASN A 492 -18.34 -16.59 -8.18
N ARG A 493 -19.22 -17.41 -7.57
CA ARG A 493 -20.61 -16.98 -7.37
C ARG A 493 -20.73 -15.92 -6.30
N ILE A 494 -19.61 -15.41 -5.80
CA ILE A 494 -19.66 -14.64 -4.56
C ILE A 494 -20.32 -13.30 -4.84
N GLY A 495 -21.11 -12.83 -3.86
CA GLY A 495 -21.88 -11.62 -4.04
C GLY A 495 -21.12 -10.37 -3.66
N GLN A 496 -21.57 -9.25 -4.22
CA GLN A 496 -20.92 -7.97 -3.96
C GLN A 496 -20.92 -7.64 -2.48
N GLN A 497 -22.01 -7.98 -1.78
CA GLN A 497 -22.10 -7.66 -0.36
C GLN A 497 -21.19 -8.57 0.44
N THR A 498 -21.22 -9.87 0.14
CA THR A 498 -20.32 -10.81 0.79
C THR A 498 -18.88 -10.32 0.75
N VAL A 499 -18.46 -9.74 -0.38
CA VAL A 499 -17.07 -9.35 -0.53
C VAL A 499 -16.77 -8.10 0.29
N ASP A 500 -17.64 -7.09 0.19
CA ASP A 500 -17.47 -5.87 1.00
C ASP A 500 -17.41 -6.22 2.49
N SER A 501 -18.27 -7.12 2.94
CA SER A 501 -18.24 -7.55 4.33
C SER A 501 -16.89 -8.20 4.65
N LEU A 502 -16.65 -9.36 4.04
CA LEU A 502 -15.44 -10.13 4.29
C LEU A 502 -14.19 -9.26 4.29
N LEU A 503 -14.16 -8.20 3.51
CA LEU A 503 -12.96 -7.38 3.50
C LEU A 503 -12.88 -6.55 4.76
N PHE A 504 -13.93 -5.79 5.04
CA PHE A 504 -13.93 -4.91 6.21
C PHE A 504 -13.69 -5.70 7.48
N LEU A 505 -14.32 -6.85 7.61
CA LEU A 505 -14.14 -7.71 8.78
C LEU A 505 -12.65 -8.02 8.94
N ASN A 506 -12.08 -8.85 8.07
CA ASN A 506 -10.64 -9.13 8.03
C ASN A 506 -9.81 -7.89 8.35
N SER A 507 -10.17 -6.76 7.75
CA SER A 507 -9.47 -5.52 8.05
C SER A 507 -9.71 -5.10 9.49
N PHE A 508 -10.92 -5.27 9.98
CA PHE A 508 -11.25 -4.85 11.34
C PHE A 508 -10.54 -5.71 12.37
N TYR A 509 -10.70 -7.04 12.28
CA TYR A 509 -10.01 -7.98 13.17
C TYR A 509 -8.49 -7.88 13.10
N LYS A 510 -7.96 -6.91 12.37
CA LYS A 510 -6.53 -6.64 12.38
C LYS A 510 -6.19 -5.32 13.05
N ASN A 511 -7.10 -4.35 13.02
CA ASN A 511 -6.88 -3.05 13.63
C ASN A 511 -7.45 -2.93 15.04
N PHE A 512 -8.09 -3.99 15.55
CA PHE A 512 -8.77 -3.91 16.85
C PHE A 512 -8.72 -5.27 17.55
N CYS A 513 -7.59 -5.97 17.44
CA CYS A 513 -7.42 -7.29 18.03
C CYS A 513 -5.94 -7.63 18.04
N LYS A 514 -5.58 -8.59 18.89
CA LYS A 514 -4.18 -8.97 19.06
C LYS A 514 -3.94 -10.44 18.67
#